data_3TVZ
#
_entry.id   3TVZ
#
_cell.length_a   64.799
_cell.length_b   64.799
_cell.length_c   392.591
_cell.angle_alpha   90.000
_cell.angle_beta   90.000
_cell.angle_gamma   120.000
#
_symmetry.space_group_name_H-M   'P 61 2 2'
#
loop_
_entity.id
_entity.type
_entity.pdbx_description
1 polymer 'Putative uncharacterized protein yhgC'
2 water water
#
_entity_poly.entity_id   1
_entity_poly.type   'polypeptide(L)'
_entity_poly.pdbx_seq_one_letter_code
;GSA(MSE)AS(MSE)KVYITYGTADFLKTIVKKHPSENILL(MSE)QGQENAILIHETSGDTVFQAPHAYEVIDQVGEIK
HPGFAVLNNIAVTQEGRPLFENKFKNRAGKVENEPGFEAIRVLRPLDSDTYVILTLWETERAFQDWQQSDSYKEAHKKRG
TSAGIDTTSIFSRPSYVTTYFAVE
;
_entity_poly.pdbx_strand_id   A,B,C
#
# COMPACT_ATOMS: atom_id res chain seq x y z
N MSE A 7 -28.91 2.97 6.15
CA MSE A 7 -28.83 4.25 5.37
C MSE A 7 -27.47 4.96 5.37
O MSE A 7 -27.33 5.96 4.69
CB MSE A 7 -29.97 5.23 5.76
CG MSE A 7 -30.39 5.25 7.23
SE MSE A 7 -32.22 6.01 7.47
CE MSE A 7 -31.94 7.89 6.89
N LYS A 8 -26.48 4.44 6.10
CA LYS A 8 -25.10 4.96 6.00
C LYS A 8 -24.09 3.91 5.49
N VAL A 9 -23.06 4.38 4.79
CA VAL A 9 -21.88 3.55 4.44
C VAL A 9 -20.58 4.23 4.94
N TYR A 10 -19.76 3.45 5.63
CA TYR A 10 -18.44 3.89 6.03
C TYR A 10 -17.41 3.08 5.27
N ILE A 11 -16.45 3.78 4.70
CA ILE A 11 -15.41 3.13 3.93
C ILE A 11 -14.07 3.48 4.57
N THR A 12 -13.17 2.51 4.67
CA THR A 12 -11.76 2.85 4.97
C THR A 12 -10.85 1.99 4.10
N TYR A 13 -9.60 2.39 3.94
CA TYR A 13 -8.68 1.71 3.06
C TYR A 13 -7.45 1.28 3.87
N GLY A 14 -6.76 0.26 3.41
CA GLY A 14 -5.47 -0.10 4.00
C GLY A 14 -5.08 -1.52 3.60
N THR A 15 -4.14 -2.12 4.31
CA THR A 15 -3.71 -3.45 3.86
C THR A 15 -4.75 -4.47 4.27
N ALA A 16 -4.95 -5.50 3.45
CA ALA A 16 -5.98 -6.46 3.70
C ALA A 16 -5.72 -7.15 5.03
N ASP A 17 -4.45 -7.43 5.36
CA ASP A 17 -4.13 -8.13 6.61
C ASP A 17 -4.55 -7.34 7.85
N PHE A 18 -4.35 -6.03 7.78
CA PHE A 18 -4.81 -5.18 8.87
C PHE A 18 -6.33 -5.03 8.90
N LEU A 19 -6.92 -4.80 7.73
CA LEU A 19 -8.34 -4.57 7.68
C LEU A 19 -9.08 -5.80 8.19
N LYS A 20 -8.54 -7.00 7.99
CA LYS A 20 -9.24 -8.20 8.51
C LYS A 20 -9.41 -8.16 10.02
N THR A 21 -8.51 -7.49 10.72
CA THR A 21 -8.57 -7.44 12.18
C THR A 21 -9.79 -6.62 12.61
N ILE A 22 -10.22 -5.67 11.77
CA ILE A 22 -11.39 -4.87 12.05
C ILE A 22 -12.65 -5.74 11.83
N VAL A 23 -12.71 -6.41 10.69
CA VAL A 23 -13.84 -7.28 10.39
C VAL A 23 -14.01 -8.26 11.56
N LYS A 24 -12.90 -8.79 12.05
CA LYS A 24 -12.98 -9.84 13.05
C LYS A 24 -13.53 -9.30 14.37
N LYS A 25 -13.22 -8.04 14.70
CA LYS A 25 -13.70 -7.41 15.95
C LYS A 25 -15.21 -7.16 15.96
N HIS A 26 -15.80 -6.93 14.80
CA HIS A 26 -17.22 -6.57 14.72
C HIS A 26 -18.08 -7.55 13.91
N PRO A 27 -18.18 -8.81 14.37
CA PRO A 27 -18.88 -9.88 13.64
C PRO A 27 -20.37 -9.67 13.36
N SER A 28 -21.05 -8.84 14.14
CA SER A 28 -22.46 -8.54 13.87
C SER A 28 -22.65 -7.51 12.78
N GLU A 29 -21.58 -6.76 12.47
CA GLU A 29 -21.68 -5.69 11.48
C GLU A 29 -21.53 -6.20 10.04
N ASN A 30 -22.20 -5.54 9.10
CA ASN A 30 -22.08 -5.95 7.71
C ASN A 30 -20.89 -5.21 7.09
N ILE A 31 -19.72 -5.84 7.21
CA ILE A 31 -18.46 -5.24 6.76
C ILE A 31 -17.80 -6.10 5.71
N LEU A 32 -17.68 -5.54 4.52
CA LEU A 32 -17.14 -6.27 3.38
C LEU A 32 -15.67 -5.90 3.17
N LEU A 33 -14.84 -6.91 3.01
CA LEU A 33 -13.40 -6.67 2.69
C LEU A 33 -13.12 -7.08 1.25
N MSE A 34 -12.58 -6.16 0.45
CA MSE A 34 -12.27 -6.44 -0.95
C MSE A 34 -10.85 -5.90 -1.26
O MSE A 34 -10.44 -4.93 -0.64
CB MSE A 34 -13.28 -5.73 -1.90
CG MSE A 34 -14.78 -5.88 -1.55
SE MSE A 34 -15.30 -7.71 -1.83
CE MSE A 34 -15.89 -7.50 -3.70
N GLN A 35 -10.17 -6.49 -2.24
CA GLN A 35 -8.76 -6.16 -2.54
C GLN A 35 -8.64 -5.34 -3.80
N GLY A 36 -8.10 -4.13 -3.70
CA GLY A 36 -7.86 -3.28 -4.86
C GLY A 36 -6.40 -3.14 -5.20
N GLN A 37 -6.14 -2.29 -6.19
CA GLN A 37 -4.80 -2.13 -6.76
C GLN A 37 -3.94 -1.31 -5.82
N GLU A 38 -4.47 -0.22 -5.30
CA GLU A 38 -3.65 0.60 -4.40
C GLU A 38 -3.60 -0.02 -3.01
N ASN A 39 -4.70 -0.62 -2.57
CA ASN A 39 -4.89 -1.11 -1.21
C ASN A 39 -6.18 -1.85 -1.22
N ALA A 40 -6.54 -2.39 -0.06
CA ALA A 40 -7.81 -3.07 0.14
C ALA A 40 -8.81 -2.10 0.80
N ILE A 41 -10.07 -2.49 0.82
CA ILE A 41 -11.11 -1.56 1.22
C ILE A 41 -12.02 -2.26 2.19
N LEU A 42 -12.53 -1.56 3.20
CA LEU A 42 -13.69 -2.10 3.97
C LEU A 42 -14.87 -1.23 3.69
N ILE A 43 -16.01 -1.88 3.51
CA ILE A 43 -17.27 -1.22 3.19
C ILE A 43 -18.26 -1.71 4.23
N HIS A 44 -18.72 -0.76 5.03
CA HIS A 44 -19.60 -1.03 6.15
C HIS A 44 -20.94 -0.30 5.97
N GLU A 45 -21.97 -1.08 5.65
CA GLU A 45 -23.33 -0.57 5.53
C GLU A 45 -24.05 -0.70 6.86
N THR A 46 -24.60 0.42 7.36
CA THR A 46 -25.26 0.42 8.66
C THR A 46 -26.15 1.66 8.84
N SER A 47 -27.21 1.51 9.63
CA SER A 47 -28.02 2.65 9.99
C SER A 47 -27.43 3.35 11.23
N GLY A 48 -26.42 2.73 11.84
CA GLY A 48 -25.82 3.28 13.06
C GLY A 48 -24.44 3.90 12.88
N ASP A 49 -23.63 3.78 13.93
CA ASP A 49 -22.30 4.41 14.04
C ASP A 49 -21.19 3.73 13.23
N THR A 50 -20.13 4.47 12.96
CA THR A 50 -18.95 3.86 12.35
C THR A 50 -18.24 3.00 13.39
N VAL A 51 -17.34 2.18 12.89
CA VAL A 51 -16.59 1.25 13.68
C VAL A 51 -15.10 1.49 13.34
N PHE A 52 -14.83 2.44 12.43
CA PHE A 52 -13.47 2.73 11.99
C PHE A 52 -12.97 4.03 12.61
N GLN A 53 -11.65 4.11 12.81
CA GLN A 53 -11.03 5.42 13.08
C GLN A 53 -10.90 6.13 11.74
N ALA A 54 -11.40 7.34 11.62
CA ALA A 54 -11.23 8.10 10.37
C ALA A 54 -11.85 7.44 9.13
N PRO A 55 -13.15 7.09 9.17
CA PRO A 55 -13.76 6.61 7.95
C PRO A 55 -14.00 7.73 6.94
N HIS A 56 -14.25 7.33 5.70
CA HIS A 56 -14.99 8.16 4.78
C HIS A 56 -16.45 7.77 4.98
N ALA A 57 -17.27 8.78 5.30
CA ALA A 57 -18.65 8.59 5.71
C ALA A 57 -19.61 8.99 4.61
N TYR A 58 -20.64 8.19 4.39
CA TYR A 58 -21.60 8.47 3.34
C TYR A 58 -23.05 8.19 3.74
N GLU A 59 -23.96 8.93 3.12
CA GLU A 59 -25.38 8.64 3.20
C GLU A 59 -25.78 7.85 1.95
N VAL A 60 -26.52 6.78 2.13
CA VAL A 60 -27.03 6.04 1.00
C VAL A 60 -28.23 6.79 0.45
N ILE A 61 -28.09 7.30 -0.78
CA ILE A 61 -29.20 8.04 -1.40
C ILE A 61 -29.91 7.24 -2.49
N ASP A 62 -29.29 6.15 -2.95
CA ASP A 62 -30.03 5.18 -3.76
C ASP A 62 -29.49 3.80 -3.48
N GLN A 63 -30.34 2.80 -3.64
CA GLN A 63 -29.92 1.42 -3.43
C GLN A 63 -30.84 0.40 -4.09
N VAL A 64 -30.21 -0.67 -4.58
CA VAL A 64 -30.90 -1.89 -5.02
C VAL A 64 -29.96 -2.99 -4.54
N GLY A 65 -30.54 -4.08 -4.06
CA GLY A 65 -29.76 -5.24 -3.71
C GLY A 65 -29.14 -5.18 -2.33
N GLU A 66 -28.70 -6.34 -1.87
CA GLU A 66 -28.08 -6.42 -0.56
C GLU A 66 -26.61 -6.64 -0.75
N ILE A 67 -25.86 -6.07 0.18
CA ILE A 67 -24.43 -6.26 0.26
C ILE A 67 -24.24 -7.53 1.08
N LYS A 68 -23.77 -8.58 0.40
CA LYS A 68 -23.57 -9.88 1.05
C LYS A 68 -22.14 -10.34 0.87
N HIS A 69 -21.92 -11.24 -0.09
CA HIS A 69 -20.59 -11.78 -0.37
C HIS A 69 -20.26 -11.63 -1.84
N PRO A 70 -20.24 -10.38 -2.36
CA PRO A 70 -19.95 -10.23 -3.78
C PRO A 70 -18.54 -10.73 -4.13
N GLY A 71 -18.36 -11.18 -5.36
CA GLY A 71 -17.03 -11.52 -5.85
C GLY A 71 -16.24 -10.30 -6.23
N PHE A 72 -16.89 -9.18 -6.51
CA PHE A 72 -16.20 -8.07 -7.14
C PHE A 72 -16.94 -6.77 -6.83
N ALA A 73 -16.20 -5.68 -6.63
CA ALA A 73 -16.78 -4.37 -6.32
C ALA A 73 -16.18 -3.31 -7.22
N VAL A 74 -17.01 -2.35 -7.63
CA VAL A 74 -16.59 -1.27 -8.50
C VAL A 74 -17.05 0.02 -7.85
N LEU A 75 -16.12 0.97 -7.73
CA LEU A 75 -16.42 2.32 -7.21
C LEU A 75 -16.08 3.31 -8.26
N ASN A 76 -17.06 4.14 -8.59
CA ASN A 76 -16.79 5.26 -9.45
C ASN A 76 -16.71 6.43 -8.53
N ASN A 77 -15.55 7.08 -8.53
CA ASN A 77 -15.23 8.13 -7.56
C ASN A 77 -15.34 9.45 -8.28
N ILE A 78 -16.43 10.18 -8.03
CA ILE A 78 -16.80 11.30 -8.89
C ILE A 78 -16.83 12.59 -8.07
N ALA A 79 -15.85 13.47 -8.28
CA ALA A 79 -15.77 14.71 -7.52
C ALA A 79 -16.73 15.73 -8.13
N VAL A 80 -17.45 16.44 -7.24
CA VAL A 80 -18.59 17.23 -7.63
C VAL A 80 -18.49 18.52 -6.85
N THR A 81 -18.69 19.64 -7.52
CA THR A 81 -18.68 20.93 -6.82
C THR A 81 -19.84 21.02 -5.81
N GLN A 82 -19.72 21.87 -4.79
CA GLN A 82 -20.75 21.97 -3.78
C GLN A 82 -22.10 22.35 -4.42
N GLU A 83 -22.06 23.28 -5.38
CA GLU A 83 -23.26 23.79 -6.08
C GLU A 83 -23.84 22.75 -7.04
N GLY A 84 -23.02 21.74 -7.38
CA GLY A 84 -23.41 20.75 -8.34
C GLY A 84 -24.12 19.57 -7.75
N ARG A 85 -24.22 19.51 -6.42
CA ARG A 85 -24.71 18.27 -5.76
C ARG A 85 -26.17 17.95 -6.10
N PRO A 86 -27.09 18.96 -6.04
CA PRO A 86 -28.46 18.62 -6.46
C PRO A 86 -28.52 18.00 -7.87
N LEU A 87 -27.81 18.60 -8.83
CA LEU A 87 -27.90 18.10 -10.20
C LEU A 87 -27.31 16.71 -10.27
N PHE A 88 -26.13 16.54 -9.67
CA PHE A 88 -25.50 15.23 -9.71
C PHE A 88 -26.40 14.12 -9.12
N GLU A 89 -27.01 14.39 -7.98
CA GLU A 89 -27.86 13.39 -7.29
C GLU A 89 -29.09 13.07 -8.12
N ASN A 90 -29.69 14.10 -8.70
CA ASN A 90 -30.77 13.94 -9.64
C ASN A 90 -30.38 13.10 -10.87
N LYS A 91 -29.21 13.38 -11.44
CA LYS A 91 -28.67 12.65 -12.60
C LYS A 91 -28.49 11.16 -12.29
N PHE A 92 -27.90 10.88 -11.14
CA PHE A 92 -27.52 9.50 -10.79
C PHE A 92 -28.52 8.68 -10.02
N LYS A 93 -29.70 9.23 -9.78
CA LYS A 93 -30.77 8.43 -9.20
C LYS A 93 -31.63 7.92 -10.35
N ASN A 94 -30.96 7.82 -11.52
CA ASN A 94 -31.47 7.21 -12.74
C ASN A 94 -30.35 6.32 -13.32
N ARG A 95 -29.83 5.44 -12.47
CA ARG A 95 -28.71 4.58 -12.85
C ARG A 95 -28.91 3.15 -12.40
N ALA A 96 -29.52 2.97 -11.24
CA ALA A 96 -29.87 1.64 -10.72
C ALA A 96 -30.76 0.80 -11.67
N GLY A 97 -31.67 1.48 -12.37
CA GLY A 97 -32.74 0.84 -13.18
C GLY A 97 -32.29 0.02 -14.39
N LYS A 98 -31.18 0.43 -15.00
CA LYS A 98 -30.63 -0.32 -16.13
C LYS A 98 -29.70 -1.45 -15.66
N VAL A 99 -28.76 -1.09 -14.78
CA VAL A 99 -27.76 -2.04 -14.30
C VAL A 99 -28.35 -3.24 -13.54
N GLU A 100 -29.43 -3.01 -12.80
CA GLU A 100 -29.94 -4.04 -11.87
C GLU A 100 -30.45 -5.35 -12.52
N ASN A 101 -30.64 -5.33 -13.84
CA ASN A 101 -31.11 -6.51 -14.60
C ASN A 101 -29.96 -7.26 -15.28
N GLU A 102 -28.74 -6.75 -15.13
CA GLU A 102 -27.58 -7.39 -15.72
C GLU A 102 -27.26 -8.72 -15.04
N PRO A 103 -26.87 -9.75 -15.82
CA PRO A 103 -26.55 -11.00 -15.17
C PRO A 103 -25.38 -10.81 -14.20
N GLY A 104 -25.50 -11.38 -13.00
CA GLY A 104 -24.44 -11.30 -12.01
C GLY A 104 -24.34 -10.00 -11.25
N PHE A 105 -25.21 -9.02 -11.55
CA PHE A 105 -25.29 -7.82 -10.72
C PHE A 105 -25.75 -8.22 -9.32
N GLU A 106 -25.11 -7.69 -8.27
CA GLU A 106 -25.60 -7.97 -6.90
C GLU A 106 -26.26 -6.75 -6.22
N ALA A 107 -25.62 -5.59 -6.28
CA ALA A 107 -26.16 -4.45 -5.58
C ALA A 107 -25.62 -3.19 -6.15
N ILE A 108 -26.35 -2.11 -5.93
CA ILE A 108 -25.80 -0.77 -6.18
C ILE A 108 -26.10 0.11 -4.96
N ARG A 109 -25.15 1.02 -4.67
CA ARG A 109 -25.33 2.13 -3.74
C ARG A 109 -24.86 3.41 -4.39
N VAL A 110 -25.67 4.46 -4.26
CA VAL A 110 -25.21 5.81 -4.61
C VAL A 110 -24.97 6.48 -3.27
N LEU A 111 -23.73 6.90 -3.06
CA LEU A 111 -23.24 7.36 -1.76
C LEU A 111 -22.88 8.84 -1.79
N ARG A 112 -23.61 9.64 -1.03
CA ARG A 112 -23.37 11.07 -0.91
C ARG A 112 -22.31 11.23 0.18
N PRO A 113 -21.22 11.90 -0.14
CA PRO A 113 -20.14 11.98 0.83
C PRO A 113 -20.40 13.01 1.88
N LEU A 114 -20.15 12.67 3.14
CA LEU A 114 -20.36 13.66 4.20
C LEU A 114 -19.10 14.43 4.59
N ASP A 115 -17.93 13.97 4.18
CA ASP A 115 -16.70 14.62 4.64
C ASP A 115 -15.84 15.08 3.46
N SER A 116 -16.30 14.78 2.24
CA SER A 116 -15.66 15.28 1.01
C SER A 116 -16.65 15.67 -0.10
N ASP A 117 -16.07 16.04 -1.24
CA ASP A 117 -16.76 16.41 -2.47
C ASP A 117 -16.97 15.21 -3.44
N THR A 118 -16.48 14.04 -3.05
CA THR A 118 -16.37 12.91 -3.96
C THR A 118 -17.46 11.85 -3.73
N TYR A 119 -18.46 11.84 -4.62
CA TYR A 119 -19.46 10.83 -4.55
C TYR A 119 -18.86 9.50 -4.96
N VAL A 120 -19.47 8.43 -4.48
CA VAL A 120 -19.12 7.07 -4.87
C VAL A 120 -20.35 6.33 -5.41
N ILE A 121 -20.24 5.80 -6.62
CA ILE A 121 -21.29 4.94 -7.10
C ILE A 121 -20.70 3.56 -6.96
N LEU A 122 -21.31 2.77 -6.09
CA LEU A 122 -20.75 1.46 -5.75
C LEU A 122 -21.59 0.41 -6.41
N THR A 123 -20.96 -0.44 -7.24
CA THR A 123 -21.69 -1.63 -7.73
C THR A 123 -21.00 -2.90 -7.29
N LEU A 124 -21.82 -3.90 -6.94
CA LEU A 124 -21.31 -5.21 -6.49
C LEU A 124 -21.78 -6.29 -7.45
N TRP A 125 -20.87 -7.25 -7.70
CA TRP A 125 -21.04 -8.19 -8.79
C TRP A 125 -20.64 -9.58 -8.33
N GLU A 126 -21.27 -10.59 -8.94
CA GLU A 126 -20.91 -11.94 -8.63
C GLU A 126 -19.45 -12.14 -8.98
N THR A 127 -19.03 -11.65 -10.14
CA THR A 127 -17.66 -11.86 -10.64
C THR A 127 -17.18 -10.60 -11.40
N GLU A 128 -15.86 -10.49 -11.62
CA GLU A 128 -15.33 -9.42 -12.48
C GLU A 128 -15.88 -9.56 -13.90
N ARG A 129 -16.00 -10.82 -14.37
CA ARG A 129 -16.51 -11.10 -15.70
C ARG A 129 -17.91 -10.50 -15.88
N ALA A 130 -18.76 -10.62 -14.86
CA ALA A 130 -20.12 -10.06 -14.95
C ALA A 130 -20.06 -8.52 -15.11
N PHE A 131 -19.17 -7.90 -14.35
CA PHE A 131 -19.02 -6.46 -14.47
C PHE A 131 -18.55 -6.06 -15.86
N GLN A 132 -17.55 -6.78 -16.38
CA GLN A 132 -17.01 -6.51 -17.71
C GLN A 132 -18.02 -6.69 -18.83
N ASP A 133 -18.92 -7.68 -18.71
CA ASP A 133 -20.05 -7.83 -19.65
C ASP A 133 -20.88 -6.56 -19.67
N TRP A 134 -21.25 -6.07 -18.49
CA TRP A 134 -21.94 -4.78 -18.42
C TRP A 134 -21.14 -3.60 -19.00
N GLN A 135 -19.81 -3.63 -18.83
CA GLN A 135 -18.93 -2.59 -19.38
C GLN A 135 -19.11 -2.26 -20.86
N GLN A 136 -19.98 -2.99 -21.56
CA GLN A 136 -20.49 -2.53 -22.87
C GLN A 136 -21.88 -1.87 -22.75
N SER A 137 -22.00 -0.86 -21.87
CA SER A 137 -23.27 -0.23 -21.51
C SER A 137 -23.08 1.02 -20.64
N SER A 157 -19.43 23.32 -15.40
CA SER A 157 -19.31 21.88 -15.06
C SER A 157 -19.46 21.57 -13.57
N ILE A 158 -20.33 20.60 -13.27
CA ILE A 158 -20.52 20.17 -11.87
C ILE A 158 -19.39 19.29 -11.30
N PHE A 159 -18.42 18.93 -12.14
CA PHE A 159 -17.31 18.03 -11.76
C PHE A 159 -16.01 18.80 -11.58
N SER A 160 -15.50 18.83 -10.35
CA SER A 160 -14.41 19.73 -10.03
C SER A 160 -13.03 19.16 -10.44
N ARG A 161 -12.97 17.82 -10.52
CA ARG A 161 -11.78 17.04 -10.89
C ARG A 161 -12.24 15.81 -11.71
N PRO A 162 -11.33 15.17 -12.47
CA PRO A 162 -11.71 13.95 -13.18
C PRO A 162 -12.19 12.85 -12.23
N SER A 163 -13.24 12.16 -12.66
CA SER A 163 -13.70 11.00 -11.93
C SER A 163 -12.75 9.82 -12.22
N TYR A 164 -12.86 8.77 -11.44
CA TYR A 164 -11.99 7.61 -11.70
C TYR A 164 -12.65 6.41 -11.04
N VAL A 165 -12.36 5.23 -11.56
CA VAL A 165 -13.03 3.99 -11.16
C VAL A 165 -11.97 3.15 -10.47
N THR A 166 -12.33 2.64 -9.29
CA THR A 166 -11.46 1.65 -8.68
C THR A 166 -12.23 0.33 -8.58
N THR A 167 -11.52 -0.78 -8.76
CA THR A 167 -12.11 -2.11 -8.65
C THR A 167 -11.42 -2.94 -7.56
N TYR A 168 -12.19 -3.85 -6.98
CA TYR A 168 -11.78 -4.65 -5.86
C TYR A 168 -12.36 -6.04 -5.96
N PHE A 169 -11.54 -7.02 -5.58
CA PHE A 169 -11.90 -8.42 -5.60
C PHE A 169 -12.18 -8.92 -4.18
N ALA A 170 -13.11 -9.87 -4.05
CA ALA A 170 -13.28 -10.63 -2.80
C ALA A 170 -11.97 -11.23 -2.27
N VAL A 171 -11.79 -11.16 -0.96
CA VAL A 171 -10.64 -11.72 -0.28
C VAL A 171 -11.09 -13.04 0.37
N GLU A 172 -10.22 -14.06 0.32
CA GLU A 172 -10.40 -15.34 1.07
C GLU A 172 -10.11 -15.21 2.59
N MSE B 7 10.74 -4.67 -29.48
CA MSE B 7 10.28 -5.07 -28.12
C MSE B 7 9.92 -3.87 -27.28
O MSE B 7 10.57 -2.84 -27.32
CB MSE B 7 11.32 -5.91 -27.39
CG MSE B 7 11.50 -7.29 -27.98
SE MSE B 7 9.74 -8.15 -28.06
CE MSE B 7 9.56 -8.66 -26.21
N LYS B 8 8.84 -4.04 -26.51
CA LYS B 8 8.42 -3.01 -25.56
C LYS B 8 8.30 -3.63 -24.18
N VAL B 9 8.43 -2.82 -23.13
CA VAL B 9 7.91 -3.22 -21.84
C VAL B 9 6.91 -2.24 -21.23
N TYR B 10 5.86 -2.81 -20.63
CA TYR B 10 4.87 -2.05 -19.87
C TYR B 10 4.99 -2.41 -18.39
N ILE B 11 4.91 -1.38 -17.57
CA ILE B 11 5.09 -1.54 -16.14
C ILE B 11 3.89 -0.92 -15.45
N THR B 12 3.41 -1.56 -14.40
CA THR B 12 2.45 -0.93 -13.50
C THR B 12 2.78 -1.36 -12.06
N TYR B 13 2.16 -0.70 -11.09
CA TYR B 13 2.51 -0.89 -9.69
C TYR B 13 1.24 -1.12 -8.92
N GLY B 14 1.36 -1.84 -7.81
CA GLY B 14 0.23 -1.97 -6.89
C GLY B 14 0.43 -3.11 -5.92
N THR B 15 -0.66 -3.57 -5.36
CA THR B 15 -0.63 -4.54 -4.30
C THR B 15 -0.36 -5.89 -4.99
N ALA B 16 0.47 -6.75 -4.42
CA ALA B 16 0.76 -8.03 -5.08
C ALA B 16 -0.52 -8.84 -5.38
N ASP B 17 -1.43 -8.92 -4.41
CA ASP B 17 -2.63 -9.72 -4.61
C ASP B 17 -3.50 -9.26 -5.78
N PHE B 18 -3.60 -7.95 -5.94
CA PHE B 18 -4.34 -7.40 -7.07
C PHE B 18 -3.61 -7.67 -8.41
N LEU B 19 -2.30 -7.38 -8.42
CA LEU B 19 -1.50 -7.58 -9.62
C LEU B 19 -1.49 -9.06 -10.03
N LYS B 20 -1.53 -10.00 -9.10
CA LYS B 20 -1.72 -11.41 -9.46
C LYS B 20 -2.93 -11.68 -10.33
N THR B 21 -4.02 -10.91 -10.15
CA THR B 21 -5.22 -11.16 -10.95
C THR B 21 -4.95 -10.82 -12.43
N ILE B 22 -4.11 -9.81 -12.65
CA ILE B 22 -3.71 -9.46 -13.99
C ILE B 22 -2.83 -10.50 -14.65
N VAL B 23 -1.80 -10.93 -13.93
CA VAL B 23 -0.94 -12.06 -14.37
C VAL B 23 -1.75 -13.29 -14.80
N LYS B 24 -2.66 -13.70 -13.95
CA LYS B 24 -3.37 -14.93 -14.18
C LYS B 24 -4.28 -14.88 -15.39
N LYS B 25 -4.79 -13.69 -15.69
CA LYS B 25 -5.67 -13.47 -16.84
C LYS B 25 -4.97 -13.46 -18.19
N HIS B 26 -3.66 -13.29 -18.18
CA HIS B 26 -2.94 -13.15 -19.46
C HIS B 26 -1.81 -14.14 -19.56
N PRO B 27 -2.15 -15.43 -19.52
CA PRO B 27 -1.12 -16.47 -19.50
C PRO B 27 -0.20 -16.56 -20.75
N SER B 28 -0.61 -16.02 -21.89
CA SER B 28 0.28 -16.03 -23.06
C SER B 28 1.22 -14.81 -23.08
N GLU B 29 1.05 -13.88 -22.13
CA GLU B 29 1.96 -12.75 -21.96
C GLU B 29 3.01 -13.07 -20.90
N ASN B 30 4.24 -12.62 -21.14
CA ASN B 30 5.28 -12.68 -20.14
C ASN B 30 5.15 -11.51 -19.20
N ILE B 31 4.54 -11.73 -18.05
CA ILE B 31 4.34 -10.62 -17.11
C ILE B 31 4.99 -11.06 -15.81
N LEU B 32 6.01 -10.33 -15.41
CA LEU B 32 6.74 -10.69 -14.21
C LEU B 32 6.18 -9.88 -13.04
N LEU B 33 5.86 -10.57 -11.95
CA LEU B 33 5.43 -9.92 -10.71
C LEU B 33 6.53 -10.00 -9.65
N MSE B 34 6.88 -8.86 -9.05
CA MSE B 34 7.94 -8.84 -8.06
C MSE B 34 7.51 -7.90 -6.91
O MSE B 34 6.71 -6.98 -7.11
CB MSE B 34 9.27 -8.34 -8.68
CG MSE B 34 9.75 -9.14 -9.93
SE MSE B 34 10.41 -10.89 -9.44
CE MSE B 34 12.25 -10.40 -8.92
N GLN B 35 8.03 -8.12 -5.71
CA GLN B 35 7.53 -7.36 -4.57
C GLN B 35 8.52 -6.32 -4.15
N GLY B 36 8.14 -5.04 -4.11
CA GLY B 36 9.05 -3.97 -3.64
C GLY B 36 8.61 -3.43 -2.29
N GLN B 37 9.31 -2.41 -1.83
CA GLN B 37 9.08 -1.82 -0.52
C GLN B 37 7.76 -1.05 -0.48
N GLU B 38 7.54 -0.20 -1.47
CA GLU B 38 6.33 0.62 -1.53
C GLU B 38 5.10 -0.18 -2.02
N ASN B 39 5.32 -1.06 -2.99
CA ASN B 39 4.26 -1.80 -3.64
C ASN B 39 4.94 -2.90 -4.46
N ALA B 40 4.14 -3.68 -5.17
CA ALA B 40 4.67 -4.68 -6.05
C ALA B 40 4.66 -4.12 -7.47
N ILE B 41 5.31 -4.84 -8.39
CA ILE B 41 5.46 -4.33 -9.75
C ILE B 41 5.09 -5.44 -10.73
N LEU B 42 4.47 -5.04 -11.84
CA LEU B 42 4.32 -5.96 -12.99
C LEU B 42 5.19 -5.51 -14.15
N ILE B 43 5.99 -6.41 -14.70
CA ILE B 43 6.83 -6.03 -15.84
C ILE B 43 6.46 -6.96 -16.97
N HIS B 44 5.97 -6.39 -18.06
CA HIS B 44 5.36 -7.12 -19.17
C HIS B 44 6.21 -6.80 -20.39
N GLU B 45 7.00 -7.77 -20.85
CA GLU B 45 7.74 -7.60 -22.09
C GLU B 45 6.97 -8.22 -23.24
N THR B 46 6.83 -7.46 -24.32
CA THR B 46 5.98 -7.85 -25.44
C THR B 46 6.23 -6.93 -26.62
N SER B 47 6.00 -7.45 -27.82
CA SER B 47 6.03 -6.60 -29.00
C SER B 47 4.63 -6.06 -29.28
N GLY B 48 3.64 -6.54 -28.52
CA GLY B 48 2.22 -6.16 -28.68
C GLY B 48 1.76 -5.01 -27.81
N ASP B 49 0.47 -4.95 -27.53
CA ASP B 49 -0.10 -3.85 -26.74
C ASP B 49 -0.15 -4.17 -25.25
N THR B 50 -0.35 -3.13 -24.43
CA THR B 50 -0.45 -3.28 -22.98
C THR B 50 -1.67 -4.11 -22.62
N VAL B 51 -1.58 -4.77 -21.48
CA VAL B 51 -2.76 -5.36 -20.88
C VAL B 51 -3.15 -4.60 -19.61
N PHE B 52 -2.47 -3.48 -19.35
CA PHE B 52 -2.70 -2.73 -18.13
C PHE B 52 -3.53 -1.49 -18.41
N GLN B 53 -4.35 -1.10 -17.44
CA GLN B 53 -4.95 0.22 -17.47
C GLN B 53 -3.83 1.16 -17.03
N ALA B 54 -3.59 2.23 -17.75
CA ALA B 54 -2.56 3.20 -17.34
C ALA B 54 -1.14 2.64 -17.08
N PRO B 55 -0.54 1.95 -18.06
CA PRO B 55 0.81 1.47 -17.89
C PRO B 55 1.84 2.58 -17.90
N HIS B 56 3.03 2.30 -17.39
CA HIS B 56 4.21 3.08 -17.78
C HIS B 56 4.88 2.37 -18.96
N ALA B 57 5.06 3.07 -20.08
CA ALA B 57 5.45 2.42 -21.33
C ALA B 57 6.88 2.71 -21.77
N TYR B 58 7.59 1.67 -22.21
CA TYR B 58 8.98 1.78 -22.60
C TYR B 58 9.30 0.98 -23.87
N GLU B 59 10.31 1.47 -24.61
CA GLU B 59 10.94 0.76 -25.71
C GLU B 59 12.20 0.08 -25.20
N VAL B 60 12.35 -1.22 -25.46
CA VAL B 60 13.59 -1.93 -25.10
C VAL B 60 14.69 -1.51 -26.06
N ILE B 61 15.77 -0.92 -25.54
CA ILE B 61 16.86 -0.50 -26.40
C ILE B 61 18.12 -1.37 -26.25
N ASP B 62 18.17 -2.21 -25.22
CA ASP B 62 19.29 -3.15 -25.03
C ASP B 62 18.72 -4.33 -24.29
N GLN B 63 19.27 -5.52 -24.50
CA GLN B 63 18.82 -6.69 -23.75
C GLN B 63 19.83 -7.84 -23.79
N VAL B 64 19.89 -8.58 -22.71
CA VAL B 64 20.58 -9.86 -22.64
C VAL B 64 19.69 -10.73 -21.78
N GLY B 65 19.53 -11.99 -22.18
CA GLY B 65 18.84 -12.97 -21.37
C GLY B 65 17.34 -12.86 -21.35
N GLU B 66 16.69 -13.92 -20.88
CA GLU B 66 15.25 -13.97 -20.88
C GLU B 66 14.71 -13.55 -19.53
N ILE B 67 13.49 -13.00 -19.55
CA ILE B 67 12.77 -12.66 -18.35
C ILE B 67 11.96 -13.90 -18.01
N LYS B 68 12.39 -14.60 -16.96
CA LYS B 68 11.79 -15.84 -16.55
C LYS B 68 11.29 -15.74 -15.13
N HIS B 69 12.00 -16.35 -14.19
CA HIS B 69 11.57 -16.37 -12.79
C HIS B 69 12.73 -16.00 -11.89
N PRO B 70 13.22 -14.75 -12.02
CA PRO B 70 14.34 -14.32 -11.20
C PRO B 70 13.92 -14.23 -9.75
N GLY B 71 14.85 -14.47 -8.83
CA GLY B 71 14.57 -14.22 -7.41
C GLY B 71 14.63 -12.75 -7.04
N PHE B 72 15.23 -11.92 -7.89
CA PHE B 72 15.49 -10.54 -7.46
C PHE B 72 15.58 -9.63 -8.68
N ALA B 73 15.07 -8.40 -8.55
CA ALA B 73 15.09 -7.42 -9.64
C ALA B 73 15.54 -6.05 -9.14
N VAL B 74 16.30 -5.33 -9.96
CA VAL B 74 16.83 -4.02 -9.61
C VAL B 74 16.47 -3.07 -10.75
N LEU B 75 15.85 -1.97 -10.39
CA LEU B 75 15.51 -0.95 -11.36
C LEU B 75 16.30 0.28 -10.98
N ASN B 76 17.18 0.70 -11.88
CA ASN B 76 17.87 1.96 -11.77
C ASN B 76 17.03 2.98 -12.53
N ASN B 77 16.49 3.96 -11.81
CA ASN B 77 15.51 4.87 -12.37
C ASN B 77 16.21 6.17 -12.65
N ILE B 78 16.51 6.44 -13.91
CA ILE B 78 17.39 7.56 -14.27
C ILE B 78 16.68 8.63 -15.09
N ALA B 79 16.46 9.77 -14.44
CA ALA B 79 15.99 11.00 -15.10
C ALA B 79 17.00 11.59 -16.09
N VAL B 80 16.59 11.69 -17.36
CA VAL B 80 17.47 12.19 -18.40
C VAL B 80 16.81 13.38 -19.14
N THR B 81 17.58 14.45 -19.37
CA THR B 81 17.10 15.57 -20.21
C THR B 81 16.88 15.09 -21.66
N GLN B 82 15.82 15.79 -22.33
CA GLN B 82 15.42 15.35 -23.69
C GLN B 82 16.58 15.44 -24.71
N GLU B 83 17.44 16.44 -24.55
CA GLU B 83 18.61 16.60 -25.43
C GLU B 83 19.73 15.60 -25.17
N GLY B 84 19.80 15.12 -23.89
CA GLY B 84 20.85 14.21 -23.50
C GLY B 84 20.57 12.73 -23.73
N ARG B 85 19.40 12.42 -24.30
CA ARG B 85 18.98 11.00 -24.49
C ARG B 85 19.86 10.24 -25.49
N PRO B 86 20.26 10.88 -26.62
CA PRO B 86 21.18 10.22 -27.56
C PRO B 86 22.48 9.70 -26.91
N LEU B 87 23.17 10.56 -26.15
CA LEU B 87 24.43 10.22 -25.47
C LEU B 87 24.28 9.16 -24.37
N PHE B 88 23.40 9.40 -23.41
CA PHE B 88 23.21 8.43 -22.33
C PHE B 88 22.76 7.07 -22.86
N GLU B 89 22.08 7.07 -24.00
CA GLU B 89 21.76 5.81 -24.69
C GLU B 89 22.98 5.04 -25.17
N ASN B 90 24.02 5.76 -25.62
CA ASN B 90 25.31 5.13 -25.93
C ASN B 90 25.86 4.45 -24.68
N LYS B 91 25.97 5.23 -23.61
CA LYS B 91 26.51 4.77 -22.34
C LYS B 91 25.70 3.62 -21.73
N PHE B 92 24.38 3.70 -21.82
CA PHE B 92 23.50 2.68 -21.23
C PHE B 92 23.70 1.31 -21.86
N LYS B 93 24.03 1.27 -23.15
CA LYS B 93 24.31 0.02 -23.87
C LYS B 93 25.69 -0.62 -23.58
N ASN B 94 26.53 0.07 -22.79
CA ASN B 94 27.77 -0.52 -22.24
C ASN B 94 27.50 -1.35 -20.98
N ARG B 95 26.27 -1.26 -20.47
CA ARG B 95 25.89 -1.85 -19.20
C ARG B 95 25.89 -3.37 -19.29
N ALA B 96 25.14 -3.92 -20.26
CA ALA B 96 25.02 -5.37 -20.44
C ALA B 96 26.36 -6.12 -20.39
N GLY B 97 27.37 -5.57 -21.06
CA GLY B 97 28.69 -6.18 -21.18
C GLY B 97 29.39 -6.53 -19.87
N LYS B 98 29.29 -5.63 -18.88
CA LYS B 98 29.95 -5.86 -17.59
C LYS B 98 29.17 -6.78 -16.66
N VAL B 99 27.84 -6.64 -16.62
CA VAL B 99 27.01 -7.46 -15.73
C VAL B 99 26.82 -8.89 -16.22
N GLU B 100 26.68 -9.08 -17.53
CA GLU B 100 26.14 -10.36 -18.04
C GLU B 100 26.94 -11.60 -17.64
N ASN B 101 28.24 -11.42 -17.37
CA ASN B 101 29.11 -12.52 -16.93
C ASN B 101 29.17 -12.75 -15.41
N GLU B 102 28.46 -11.94 -14.64
CA GLU B 102 28.40 -12.11 -13.19
C GLU B 102 27.65 -13.38 -12.76
N PRO B 103 28.13 -14.05 -11.68
CA PRO B 103 27.37 -15.18 -11.14
C PRO B 103 25.99 -14.73 -10.68
N GLY B 104 24.97 -15.53 -10.97
CA GLY B 104 23.61 -15.19 -10.57
C GLY B 104 22.86 -14.23 -11.49
N PHE B 105 23.55 -13.64 -12.46
CA PHE B 105 22.87 -12.75 -13.42
C PHE B 105 21.91 -13.55 -14.29
N GLU B 106 20.68 -13.04 -14.42
CA GLU B 106 19.70 -13.60 -15.35
C GLU B 106 19.47 -12.75 -16.62
N ALA B 107 19.29 -11.44 -16.46
CA ALA B 107 18.90 -10.61 -17.60
C ALA B 107 19.08 -9.15 -17.31
N ILE B 108 19.16 -8.38 -18.39
CA ILE B 108 19.19 -6.91 -18.31
C ILE B 108 18.36 -6.38 -19.47
N ARG B 109 17.72 -5.23 -19.25
CA ARG B 109 16.92 -4.53 -20.25
C ARG B 109 17.19 -3.08 -19.98
N VAL B 110 17.51 -2.34 -21.03
CA VAL B 110 17.63 -0.89 -20.89
C VAL B 110 16.36 -0.37 -21.54
N LEU B 111 15.64 0.44 -20.80
CA LEU B 111 14.28 0.80 -21.15
C LEU B 111 14.17 2.28 -21.41
N ARG B 112 13.82 2.63 -22.65
CA ARG B 112 13.60 4.00 -23.08
C ARG B 112 12.16 4.39 -22.76
N PRO B 113 11.98 5.45 -21.93
CA PRO B 113 10.66 5.87 -21.48
C PRO B 113 9.86 6.57 -22.55
N LEU B 114 8.62 6.15 -22.73
CA LEU B 114 7.73 6.80 -23.69
C LEU B 114 6.90 7.94 -23.11
N ASP B 115 6.63 7.90 -21.81
CA ASP B 115 5.69 8.85 -21.21
C ASP B 115 6.35 9.76 -20.16
N SER B 116 7.68 9.79 -20.17
CA SER B 116 8.49 10.43 -19.13
C SER B 116 9.96 10.56 -19.55
N ASP B 117 10.72 11.31 -18.76
CA ASP B 117 12.16 11.45 -18.91
C ASP B 117 12.97 10.34 -18.23
N THR B 118 12.28 9.36 -17.63
CA THR B 118 12.93 8.48 -16.68
C THR B 118 13.24 7.13 -17.26
N TYR B 119 14.49 6.96 -17.68
CA TYR B 119 14.97 5.68 -18.16
C TYR B 119 14.96 4.66 -17.02
N VAL B 120 14.80 3.38 -17.36
CA VAL B 120 14.97 2.35 -16.38
C VAL B 120 16.04 1.37 -16.84
N ILE B 121 17.05 1.16 -16.01
CA ILE B 121 17.94 -0.01 -16.23
C ILE B 121 17.48 -1.18 -15.33
N LEU B 122 16.94 -2.22 -15.96
CA LEU B 122 16.37 -3.33 -15.23
C LEU B 122 17.37 -4.47 -15.23
N THR B 123 17.74 -4.94 -14.04
CA THR B 123 18.56 -6.15 -13.96
C THR B 123 17.90 -7.23 -13.11
N LEU B 124 18.02 -8.48 -13.58
CA LEU B 124 17.34 -9.59 -12.95
C LEU B 124 18.38 -10.58 -12.48
N TRP B 125 18.20 -11.07 -11.27
CA TRP B 125 19.19 -11.93 -10.66
C TRP B 125 18.54 -13.17 -10.02
N GLU B 126 19.34 -14.19 -9.81
CA GLU B 126 18.86 -15.36 -9.08
C GLU B 126 18.54 -14.99 -7.64
N THR B 127 19.35 -14.09 -7.05
CA THR B 127 19.24 -13.73 -5.63
C THR B 127 19.70 -12.29 -5.42
N GLU B 128 19.24 -11.70 -4.33
CA GLU B 128 19.79 -10.44 -3.86
C GLU B 128 21.29 -10.57 -3.64
N ARG B 129 21.70 -11.67 -3.00
CA ARG B 129 23.13 -11.97 -2.72
C ARG B 129 23.98 -11.84 -3.98
N ALA B 130 23.53 -12.47 -5.07
CA ALA B 130 24.13 -12.34 -6.40
C ALA B 130 24.31 -10.89 -6.88
N PHE B 131 23.28 -10.06 -6.69
CA PHE B 131 23.39 -8.64 -7.02
C PHE B 131 24.33 -7.95 -6.07
N GLN B 132 24.24 -8.30 -4.79
CA GLN B 132 25.06 -7.71 -3.73
C GLN B 132 26.53 -8.01 -3.96
N ASP B 133 26.83 -9.25 -4.35
CA ASP B 133 28.18 -9.62 -4.78
C ASP B 133 28.69 -8.67 -5.87
N TRP B 134 27.88 -8.42 -6.90
CA TRP B 134 28.29 -7.52 -7.97
C TRP B 134 28.46 -6.09 -7.47
N SER B 163 19.12 9.92 -10.02
CA SER B 163 18.64 8.53 -10.12
C SER B 163 18.37 7.95 -8.75
N TYR B 164 17.53 6.94 -8.73
CA TYR B 164 17.30 6.18 -7.53
C TYR B 164 17.04 4.73 -7.94
N VAL B 165 17.35 3.83 -7.01
CA VAL B 165 17.23 2.41 -7.29
C VAL B 165 16.08 1.86 -6.48
N THR B 166 15.29 0.99 -7.09
CA THR B 166 14.27 0.25 -6.37
C THR B 166 14.56 -1.20 -6.62
N THR B 167 14.38 -2.02 -5.59
CA THR B 167 14.61 -3.46 -5.72
C THR B 167 13.31 -4.20 -5.44
N TYR B 168 13.17 -5.41 -6.00
CA TYR B 168 11.91 -6.17 -5.91
C TYR B 168 12.32 -7.62 -5.81
N PHE B 169 11.52 -8.43 -5.11
CA PHE B 169 11.83 -9.82 -4.91
C PHE B 169 10.74 -10.68 -5.53
N ALA B 170 11.10 -11.89 -5.92
CA ALA B 170 10.10 -12.82 -6.40
C ALA B 170 9.00 -13.04 -5.38
N VAL B 171 7.80 -13.24 -5.89
CA VAL B 171 6.63 -13.45 -5.10
C VAL B 171 6.31 -14.95 -5.17
N GLU B 172 5.97 -15.54 -4.04
CA GLU B 172 5.23 -16.80 -4.07
C GLU B 172 3.80 -16.68 -3.49
N MSE C 7 20.83 5.27 23.43
CA MSE C 7 20.06 4.26 22.64
C MSE C 7 19.26 4.96 21.56
O MSE C 7 18.64 6.00 21.79
CB MSE C 7 19.12 3.40 23.50
CG MSE C 7 19.83 2.49 24.47
SE MSE C 7 20.76 1.03 23.56
CE MSE C 7 19.52 0.59 22.25
N LYS C 8 19.27 4.36 20.39
CA LYS C 8 18.49 4.86 19.27
C LYS C 8 17.46 3.87 18.80
N VAL C 9 16.43 4.41 18.16
CA VAL C 9 15.49 3.56 17.45
C VAL C 9 15.47 4.00 16.00
N TYR C 10 15.59 3.03 15.09
CA TYR C 10 15.34 3.31 13.66
C TYR C 10 14.06 2.64 13.17
N ILE C 11 13.28 3.38 12.39
CA ILE C 11 11.98 2.94 11.90
C ILE C 11 11.93 3.05 10.38
N THR C 12 11.49 1.98 9.69
CA THR C 12 11.19 2.17 8.28
C THR C 12 9.85 1.50 7.99
N TYR C 13 9.23 1.89 6.88
CA TYR C 13 7.91 1.34 6.52
C TYR C 13 7.95 0.70 5.13
N GLY C 14 7.06 -0.26 4.88
CA GLY C 14 7.00 -0.86 3.58
C GLY C 14 6.06 -2.03 3.63
N THR C 15 5.97 -2.74 2.53
CA THR C 15 5.13 -3.93 2.53
C THR C 15 5.81 -4.97 3.43
N ALA C 16 5.00 -5.78 4.12
CA ALA C 16 5.51 -6.77 5.04
C ALA C 16 6.48 -7.75 4.36
N ASP C 17 6.13 -8.19 3.15
CA ASP C 17 6.96 -9.15 2.40
C ASP C 17 8.31 -8.59 2.01
N PHE C 18 8.36 -7.32 1.63
CA PHE C 18 9.65 -6.69 1.42
C PHE C 18 10.42 -6.48 2.71
N LEU C 19 9.76 -5.97 3.75
CA LEU C 19 10.44 -5.78 5.05
C LEU C 19 11.08 -7.07 5.62
N LYS C 20 10.46 -8.22 5.37
CA LYS C 20 11.02 -9.51 5.81
C LYS C 20 12.42 -9.73 5.23
N THR C 21 12.67 -9.23 4.01
CA THR C 21 13.99 -9.37 3.36
C THR C 21 15.07 -8.62 4.09
N ILE C 22 14.69 -7.57 4.80
CA ILE C 22 15.66 -6.75 5.53
C ILE C 22 16.00 -7.48 6.83
N VAL C 23 14.96 -7.91 7.53
CA VAL C 23 15.10 -8.72 8.74
C VAL C 23 15.99 -9.96 8.50
N LYS C 24 15.78 -10.63 7.36
CA LYS C 24 16.59 -11.81 7.13
C LYS C 24 18.06 -11.53 6.80
N LYS C 25 18.36 -10.32 6.35
CA LYS C 25 19.72 -9.86 6.15
C LYS C 25 20.40 -9.46 7.45
N HIS C 26 19.61 -9.16 8.48
CA HIS C 26 20.15 -8.77 9.80
C HIS C 26 19.49 -9.57 10.94
N PRO C 27 19.56 -10.92 10.88
CA PRO C 27 18.77 -11.74 11.77
C PRO C 27 19.09 -11.61 13.27
N SER C 28 20.27 -11.09 13.62
CA SER C 28 20.66 -11.00 15.02
C SER C 28 20.42 -9.59 15.60
N GLU C 29 19.91 -8.67 14.79
CA GLU C 29 19.60 -7.33 15.31
C GLU C 29 18.25 -7.41 15.95
N ASN C 30 17.90 -6.48 16.83
CA ASN C 30 16.59 -6.69 17.42
C ASN C 30 15.64 -5.85 16.62
N ILE C 31 14.97 -6.52 15.68
CA ILE C 31 14.16 -5.76 14.70
C ILE C 31 12.79 -6.32 14.72
N LEU C 32 11.84 -5.47 15.02
CA LEU C 32 10.45 -5.91 15.13
C LEU C 32 9.74 -5.60 13.84
N LEU C 33 9.01 -6.57 13.31
CA LEU C 33 8.22 -6.35 12.11
C LEU C 33 6.79 -6.40 12.54
N MSE C 34 6.01 -5.38 12.25
CA MSE C 34 4.59 -5.40 12.60
C MSE C 34 3.75 -4.88 11.42
O MSE C 34 4.29 -4.18 10.55
CB MSE C 34 4.31 -4.57 13.87
CG MSE C 34 5.21 -4.81 15.10
SE MSE C 34 4.73 -6.48 15.95
CE MSE C 34 5.11 -7.90 14.64
N GLN C 35 2.47 -5.22 11.37
CA GLN C 35 1.63 -4.89 10.23
C GLN C 35 0.64 -3.79 10.60
N GLY C 36 0.70 -2.67 9.90
CA GLY C 36 -0.22 -1.55 10.15
C GLY C 36 -1.23 -1.40 9.04
N GLN C 37 -2.03 -0.33 9.14
CA GLN C 37 -3.13 -0.17 8.23
C GLN C 37 -2.59 0.29 6.86
N GLU C 38 -1.71 1.28 6.89
CA GLU C 38 -1.19 1.81 5.65
C GLU C 38 -0.08 0.93 5.07
N ASN C 39 0.72 0.34 5.96
CA ASN C 39 1.89 -0.45 5.57
C ASN C 39 2.39 -1.16 6.80
N ALA C 40 3.45 -1.93 6.62
CA ALA C 40 4.11 -2.62 7.72
C ALA C 40 5.28 -1.76 8.22
N ILE C 41 5.84 -2.09 9.38
CA ILE C 41 6.87 -1.26 9.99
C ILE C 41 8.00 -2.17 10.50
N LEU C 42 9.22 -1.71 10.42
CA LEU C 42 10.31 -2.31 11.15
C LEU C 42 10.74 -1.30 12.20
N ILE C 43 10.94 -1.79 13.42
CA ILE C 43 11.46 -1.00 14.52
C ILE C 43 12.75 -1.64 14.98
N HIS C 44 13.83 -0.89 14.93
CA HIS C 44 15.17 -1.44 15.26
C HIS C 44 15.73 -0.62 16.42
N GLU C 45 15.87 -1.22 17.60
CA GLU C 45 16.47 -0.47 18.71
C GLU C 45 17.93 -0.88 18.86
N THR C 46 18.82 0.10 18.94
CA THR C 46 20.25 -0.23 18.97
C THR C 46 21.04 0.96 19.42
N SER C 47 22.20 0.70 20.03
CA SER C 47 23.10 1.79 20.32
C SER C 47 23.93 2.12 19.07
N GLY C 48 23.84 1.26 18.06
CA GLY C 48 24.66 1.37 16.89
C GLY C 48 24.04 2.15 15.75
N ASP C 49 24.54 1.90 14.56
CA ASP C 49 24.10 2.67 13.42
C ASP C 49 22.96 1.90 12.76
N THR C 50 22.19 2.60 11.92
CA THR C 50 21.07 1.97 11.23
C THR C 50 21.54 1.00 10.16
N VAL C 51 20.67 0.03 9.90
CA VAL C 51 20.86 -0.96 8.94
C VAL C 51 19.81 -0.76 7.82
N PHE C 52 19.03 0.35 7.93
CA PHE C 52 17.95 0.65 6.98
C PHE C 52 18.35 1.73 5.99
N GLN C 53 17.57 1.83 4.92
CA GLN C 53 17.82 2.84 3.89
C GLN C 53 16.86 4.00 4.20
N ALA C 54 17.40 5.20 4.38
CA ALA C 54 16.57 6.35 4.74
C ALA C 54 15.49 6.10 5.83
N PRO C 55 15.89 5.58 7.02
CA PRO C 55 14.89 5.37 8.07
C PRO C 55 14.47 6.69 8.72
N HIS C 56 13.40 6.64 9.49
CA HIS C 56 13.14 7.67 10.47
C HIS C 56 13.94 7.32 11.73
N ALA C 57 14.81 8.24 12.17
CA ALA C 57 15.74 7.97 13.27
C ALA C 57 15.30 8.68 14.55
N TYR C 58 15.49 8.04 15.69
CA TYR C 58 15.09 8.60 16.99
C TYR C 58 16.16 8.32 18.01
N GLU C 59 16.19 9.13 19.06
CA GLU C 59 16.93 8.83 20.27
C GLU C 59 15.90 8.42 21.33
N VAL C 60 16.20 7.39 22.10
CA VAL C 60 15.31 6.97 23.16
C VAL C 60 15.52 7.86 24.35
N ILE C 61 14.47 8.53 24.80
CA ILE C 61 14.60 9.45 25.93
C ILE C 61 13.84 8.95 27.17
N ASP C 62 13.06 7.87 27.02
CA ASP C 62 12.51 7.18 28.19
C ASP C 62 12.17 5.74 27.78
N GLN C 63 12.24 4.81 28.71
CA GLN C 63 12.07 3.41 28.34
C GLN C 63 11.65 2.61 29.56
N VAL C 64 10.75 1.64 29.34
CA VAL C 64 10.44 0.60 30.32
C VAL C 64 10.22 -0.68 29.53
N GLY C 65 10.73 -1.80 30.03
CA GLY C 65 10.51 -3.12 29.40
C GLY C 65 11.37 -3.37 28.16
N GLU C 66 11.37 -4.63 27.73
CA GLU C 66 12.19 -5.03 26.61
C GLU C 66 11.34 -5.19 25.34
N ILE C 67 11.96 -4.90 24.21
CA ILE C 67 11.37 -5.13 22.88
C ILE C 67 11.60 -6.57 22.44
N LYS C 68 10.54 -7.36 22.49
CA LYS C 68 10.65 -8.80 22.27
C LYS C 68 9.75 -9.22 21.12
N HIS C 69 8.60 -9.82 21.37
CA HIS C 69 7.72 -10.27 20.27
C HIS C 69 6.27 -9.90 20.59
N PRO C 70 5.98 -8.59 20.71
CA PRO C 70 4.64 -8.17 21.14
C PRO C 70 3.60 -8.58 20.12
N GLY C 71 2.35 -8.76 20.55
CA GLY C 71 1.28 -9.01 19.61
C GLY C 71 0.76 -7.75 18.98
N PHE C 72 1.06 -6.61 19.60
CA PHE C 72 0.37 -5.37 19.26
C PHE C 72 1.25 -4.18 19.64
N ALA C 73 1.27 -3.17 18.76
CA ALA C 73 2.08 -1.96 18.99
C ALA C 73 1.25 -0.75 18.66
N VAL C 74 1.40 0.29 19.49
CA VAL C 74 0.72 1.55 19.32
C VAL C 74 1.79 2.63 19.22
N LEU C 75 1.72 3.45 18.18
CA LEU C 75 2.61 4.64 18.03
C LEU C 75 1.76 5.86 18.09
N ASN C 76 2.01 6.68 19.09
CA ASN C 76 1.42 7.99 19.11
C ASN C 76 2.40 8.93 18.43
N ASN C 77 1.95 9.58 17.34
CA ASN C 77 2.83 10.32 16.46
C ASN C 77 2.51 11.78 16.70
N ILE C 78 3.38 12.49 17.40
CA ILE C 78 3.05 13.83 17.91
C ILE C 78 4.02 14.87 17.39
N ALA C 79 3.54 15.79 16.58
CA ALA C 79 4.40 16.85 16.06
C ALA C 79 4.59 17.86 17.17
N VAL C 80 5.85 18.26 17.40
CA VAL C 80 6.20 19.20 18.49
C VAL C 80 7.14 20.28 17.93
N THR C 81 6.82 21.56 18.19
CA THR C 81 7.71 22.63 17.72
C THR C 81 8.97 22.68 18.61
N GLN C 82 10.03 23.31 18.11
CA GLN C 82 11.26 23.36 18.86
C GLN C 82 11.04 23.97 20.26
N GLU C 83 10.31 25.08 20.35
CA GLU C 83 10.02 25.70 21.63
C GLU C 83 9.18 24.82 22.55
N GLY C 84 8.48 23.86 21.97
CA GLY C 84 7.64 22.99 22.75
C GLY C 84 8.32 21.73 23.22
N ARG C 85 9.58 21.48 22.82
CA ARG C 85 10.25 20.20 23.20
C ARG C 85 10.37 19.98 24.70
N PRO C 86 10.88 20.98 25.45
CA PRO C 86 10.96 20.76 26.92
C PRO C 86 9.61 20.39 27.59
N LEU C 87 8.55 21.13 27.30
CA LEU C 87 7.22 20.81 27.83
C LEU C 87 6.71 19.44 27.40
N PHE C 88 6.80 19.18 26.10
CA PHE C 88 6.30 17.91 25.60
C PHE C 88 7.08 16.70 26.09
N GLU C 89 8.39 16.82 26.15
CA GLU C 89 9.21 15.71 26.65
C GLU C 89 8.87 15.46 28.12
N ASN C 90 8.68 16.53 28.89
CA ASN C 90 8.28 16.37 30.27
C ASN C 90 6.95 15.61 30.40
N LYS C 91 5.95 16.00 29.64
CA LYS C 91 4.68 15.31 29.59
C LYS C 91 4.81 13.82 29.14
N PHE C 92 5.56 13.56 28.07
CA PHE C 92 5.71 12.19 27.56
C PHE C 92 6.31 11.28 28.63
N LYS C 93 7.17 11.84 29.47
CA LYS C 93 7.84 11.06 30.52
C LYS C 93 6.94 10.55 31.63
N ASN C 94 5.73 11.10 31.71
CA ASN C 94 4.73 10.64 32.68
C ASN C 94 3.87 9.52 32.13
N ARG C 95 4.05 9.24 30.84
CA ARG C 95 3.26 8.23 30.20
C ARG C 95 3.64 6.82 30.68
N ALA C 96 4.95 6.60 30.85
CA ALA C 96 5.42 5.42 31.59
C ALA C 96 5.08 5.74 33.05
N GLY C 97 4.28 4.87 33.65
CA GLY C 97 3.72 5.14 34.96
C GLY C 97 2.24 4.93 34.81
N LYS C 98 1.68 5.60 33.80
CA LYS C 98 0.29 5.39 33.43
C LYS C 98 0.07 3.95 33.00
N VAL C 99 1.14 3.32 32.52
CA VAL C 99 0.99 2.18 31.63
C VAL C 99 1.69 0.90 32.08
N GLU C 100 2.81 1.05 32.78
CA GLU C 100 3.74 -0.07 33.04
C GLU C 100 3.18 -1.20 33.93
N ASN C 101 2.12 -0.91 34.68
CA ASN C 101 1.51 -1.96 35.53
C ASN C 101 0.23 -2.58 34.96
N GLU C 102 -0.17 -2.17 33.77
CA GLU C 102 -1.37 -2.75 33.12
C GLU C 102 -1.08 -4.18 32.64
N PRO C 103 -2.08 -5.09 32.76
CA PRO C 103 -1.91 -6.42 32.20
C PRO C 103 -1.75 -6.34 30.68
N GLY C 104 -0.95 -7.24 30.14
CA GLY C 104 -0.64 -7.19 28.73
C GLY C 104 0.44 -6.19 28.34
N PHE C 105 0.82 -5.29 29.24
CA PHE C 105 1.86 -4.31 28.88
C PHE C 105 3.20 -5.01 28.68
N GLU C 106 3.90 -4.69 27.59
CA GLU C 106 5.27 -5.19 27.39
C GLU C 106 6.33 -4.09 27.51
N ALA C 107 6.15 -2.97 26.82
CA ALA C 107 7.24 -2.00 26.79
C ALA C 107 6.72 -0.67 26.37
N ILE C 108 7.45 0.36 26.75
CA ILE C 108 7.21 1.68 26.20
C ILE C 108 8.53 2.34 25.83
N ARG C 109 8.55 3.04 24.70
CA ARG C 109 9.66 3.94 24.37
C ARG C 109 9.12 5.33 24.08
N VAL C 110 9.76 6.36 24.63
CA VAL C 110 9.56 7.77 24.18
C VAL C 110 10.70 8.10 23.28
N LEU C 111 10.36 8.43 22.05
CA LEU C 111 11.35 8.56 20.99
C LEU C 111 11.43 9.99 20.52
N ARG C 112 12.58 10.61 20.77
CA ARG C 112 12.84 11.99 20.28
C ARG C 112 13.35 11.87 18.81
N PRO C 113 12.66 12.53 17.87
CA PRO C 113 13.00 12.40 16.46
C PRO C 113 14.37 13.04 16.25
N LEU C 114 15.20 12.44 15.41
CA LEU C 114 16.49 13.08 15.05
C LEU C 114 16.46 13.85 13.74
N ASP C 115 15.38 13.68 13.00
CA ASP C 115 15.30 14.11 11.63
C ASP C 115 13.88 14.61 11.26
N SER C 116 13.07 14.94 12.27
CA SER C 116 11.71 15.46 12.03
C SER C 116 11.27 16.20 13.30
N ASP C 117 10.05 16.78 13.27
CA ASP C 117 9.45 17.39 14.45
C ASP C 117 8.46 16.40 15.13
N THR C 118 8.43 15.15 14.65
CA THR C 118 7.40 14.24 15.14
C THR C 118 7.95 13.19 16.12
N TYR C 119 7.61 13.37 17.39
CA TYR C 119 7.93 12.43 18.41
C TYR C 119 7.07 11.18 18.27
N VAL C 120 7.59 10.07 18.76
CA VAL C 120 6.81 8.83 18.79
C VAL C 120 6.78 8.27 20.20
N ILE C 121 5.57 8.04 20.71
CA ILE C 121 5.42 7.28 21.93
C ILE C 121 5.03 5.85 21.49
N LEU C 122 5.93 4.92 21.72
CA LEU C 122 5.81 3.54 21.25
C LEU C 122 5.43 2.69 22.43
N THR C 123 4.25 2.06 22.39
CA THR C 123 3.88 1.12 23.45
C THR C 123 3.59 -0.27 22.85
N LEU C 124 4.15 -1.29 23.48
CA LEU C 124 4.05 -2.68 23.00
C LEU C 124 3.19 -3.44 23.93
N TRP C 125 2.28 -4.27 23.39
CA TRP C 125 1.27 -4.96 24.16
C TRP C 125 1.17 -6.41 23.73
N GLU C 126 0.74 -7.24 24.66
CA GLU C 126 0.54 -8.64 24.33
C GLU C 126 -0.51 -8.76 23.23
N THR C 127 -1.61 -8.01 23.36
CA THR C 127 -2.73 -8.12 22.45
C THR C 127 -3.37 -6.76 22.29
N GLU C 128 -4.17 -6.62 21.24
CA GLU C 128 -4.89 -5.37 21.03
C GLU C 128 -5.85 -5.09 22.19
N ARG C 129 -6.48 -6.16 22.67
CA ARG C 129 -7.44 -6.18 23.79
C ARG C 129 -6.89 -5.51 25.03
N ALA C 130 -5.64 -5.88 25.37
CA ALA C 130 -4.91 -5.32 26.51
C ALA C 130 -4.73 -3.81 26.35
N PHE C 131 -4.42 -3.37 25.13
CA PHE C 131 -4.36 -1.95 24.85
C PHE C 131 -5.73 -1.30 25.00
N GLN C 132 -6.79 -2.01 24.63
CA GLN C 132 -8.14 -1.48 24.71
C GLN C 132 -8.56 -1.22 26.14
N ASP C 133 -8.39 -2.23 26.99
CA ASP C 133 -8.73 -2.15 28.41
C ASP C 133 -8.25 -0.87 29.04
N TRP C 134 -7.06 -0.45 28.64
CA TRP C 134 -6.42 0.68 29.24
C TRP C 134 -7.05 2.02 28.79
N GLN C 135 -8.19 1.94 28.10
CA GLN C 135 -8.88 3.15 27.60
C GLN C 135 -9.88 3.72 28.59
N PRO C 162 -1.34 18.36 15.89
CA PRO C 162 -2.14 17.41 15.10
C PRO C 162 -1.66 15.93 15.25
N SER C 163 -1.60 15.42 16.48
CA SER C 163 -1.13 14.04 16.69
C SER C 163 -2.06 13.00 16.06
N TYR C 164 -1.53 11.79 15.88
CA TYR C 164 -2.34 10.71 15.33
C TYR C 164 -1.73 9.42 15.80
N VAL C 165 -2.58 8.42 15.96
CA VAL C 165 -2.13 7.16 16.47
C VAL C 165 -2.10 6.16 15.32
N THR C 166 -1.02 5.40 15.23
CA THR C 166 -1.06 4.20 14.35
C THR C 166 -0.81 2.95 15.16
N THR C 167 -1.49 1.86 14.78
CA THR C 167 -1.38 0.62 15.50
C THR C 167 -0.96 -0.46 14.51
N TYR C 168 -0.35 -1.53 15.05
CA TYR C 168 0.35 -2.54 14.23
C TYR C 168 0.20 -3.88 14.93
N PHE C 169 0.06 -4.95 14.14
CA PHE C 169 -0.06 -6.29 14.66
C PHE C 169 1.16 -7.13 14.31
N ALA C 170 1.46 -8.09 15.16
CA ALA C 170 2.41 -9.15 14.82
C ALA C 170 2.04 -9.76 13.47
N VAL C 171 3.07 -10.30 12.82
CA VAL C 171 3.03 -10.77 11.47
C VAL C 171 3.40 -12.25 11.54
N GLU C 172 2.62 -13.12 10.94
CA GLU C 172 2.92 -14.56 10.98
C GLU C 172 4.11 -14.96 10.09
#